data_3W2N
#
_entry.id   3W2N
#
_cell.length_a   68.123
_cell.length_b   71.886
_cell.length_c   128.940
_cell.angle_alpha   90.00
_cell.angle_beta   90.00
_cell.angle_gamma   90.00
#
_symmetry.space_group_name_H-M   'P 21 21 21'
#
loop_
_entity.id
_entity.type
_entity.pdbx_description
1 polymer 'Dihydroorotate dehydrogenase (fumarate)'
2 non-polymer '2,6-dioxo-5-{2-[2-(trifluoromethyl)phenyl]ethyl}-1,2,3,6-tetrahydropyrimidine-4-carboxylic acid'
3 non-polymer GLYCEROL
4 non-polymer 'FLAVIN MONONUCLEOTIDE'
5 non-polymer 'COBALT HEXAMMINE(III)'
6 water water
#
_entity_poly.entity_id   1
_entity_poly.type   'polypeptide(L)'
_entity_poly.pdbx_seq_one_letter_code
;MCLKLNLLDHVFANPFMNAAGVLCSTEEDLRCMTASSSGALVSKSCTSAPRDGNPEPRYMAFPLGSINSMGLPNLGFDFY
LKYASDLHDYSKKPLFLSISGLSVEENVAMVRRLAPVAQEKGVLLELNLSCPNVPGKPQVAYDFEAMRTYLQQVSLAYGL
PFGVKMPPYFDIAHFDTAAAVLNEFPLVKFVTCVNSVGNGLVIDAESESVVIKPKQGFGGLGGKYILPTALANVNAFYRR
CPDKLVFGCGGVYSGEDAFLHILAGASMVQVGTALQEEGPGIFTRLEDELLEIMARKGYRTLEEFRGRVKTIE
;
_entity_poly.pdbx_strand_id   A,B
#
# COMPACT_ATOMS: atom_id res chain seq x y z
N MET A 1 -12.10 -29.94 18.64
CA MET A 1 -11.48 -28.77 17.98
C MET A 1 -10.57 -29.12 16.82
N CYS A 2 -10.82 -28.58 15.64
CA CYS A 2 -10.04 -28.93 14.50
C CYS A 2 -9.85 -27.82 13.40
N LEU A 3 -8.71 -27.92 12.75
CA LEU A 3 -8.31 -27.03 11.69
C LEU A 3 -8.71 -27.54 10.29
N LYS A 4 -9.31 -28.72 10.20
CA LYS A 4 -9.67 -29.37 8.92
C LYS A 4 -10.53 -28.44 8.08
N LEU A 5 -10.34 -28.52 6.79
CA LEU A 5 -11.29 -27.96 5.87
C LEU A 5 -11.46 -28.76 4.58
N ASN A 6 -12.59 -28.62 3.97
CA ASN A 6 -12.89 -29.32 2.74
C ASN A 6 -13.31 -28.26 1.78
N LEU A 7 -12.57 -28.14 0.72
CA LEU A 7 -12.95 -27.18 -0.28
C LEU A 7 -12.39 -27.50 -1.65
N LEU A 8 -13.10 -27.03 -2.65
CA LEU A 8 -12.68 -27.32 -4.02
C LEU A 8 -12.49 -28.81 -4.21
N ASP A 9 -13.34 -29.61 -3.57
CA ASP A 9 -13.24 -31.08 -3.61
C ASP A 9 -11.96 -31.64 -3.12
N HIS A 10 -11.27 -30.94 -2.22
CA HIS A 10 -10.12 -31.51 -1.61
C HIS A 10 -10.24 -31.41 -0.10
N VAL A 11 -9.44 -32.18 0.61
CA VAL A 11 -9.41 -32.15 2.10
C VAL A 11 -8.06 -31.64 2.53
N PHE A 12 -8.07 -30.67 3.44
CA PHE A 12 -6.88 -29.99 3.94
C PHE A 12 -6.84 -30.19 5.47
N ALA A 13 -5.70 -30.61 5.98
CA ALA A 13 -5.56 -30.82 7.44
C ALA A 13 -5.65 -29.51 8.19
N ASN A 14 -5.30 -28.41 7.54
CA ASN A 14 -5.31 -27.10 8.18
C ASN A 14 -5.22 -26.09 7.07
N PRO A 15 -5.44 -24.81 7.39
CA PRO A 15 -5.53 -23.82 6.35
C PRO A 15 -4.21 -23.22 5.86
N PHE A 16 -3.08 -23.64 6.42
CA PHE A 16 -1.82 -23.01 6.10
C PHE A 16 -1.14 -23.57 4.89
N MET A 17 -0.50 -22.67 4.12
CA MET A 17 0.34 -23.06 3.00
C MET A 17 1.35 -21.99 2.77
N ASN A 18 2.35 -22.26 1.96
CA ASN A 18 3.26 -21.24 1.58
C ASN A 18 2.59 -20.27 0.61
N ALA A 19 3.05 -19.04 0.56
CA ALA A 19 2.75 -18.10 -0.51
C ALA A 19 3.53 -18.39 -1.73
N ALA A 20 2.95 -18.23 -2.91
CA ALA A 20 3.71 -18.49 -4.09
C ALA A 20 4.99 -17.69 -4.13
N GLY A 21 6.06 -18.36 -4.60
CA GLY A 21 7.31 -17.81 -4.64
C GLY A 21 8.25 -18.12 -3.50
N VAL A 22 7.70 -18.49 -2.36
CA VAL A 22 8.49 -18.83 -1.21
C VAL A 22 8.57 -20.35 -1.01
N LEU A 23 9.80 -20.82 -0.92
CA LEU A 23 10.09 -22.19 -0.65
C LEU A 23 9.38 -23.15 -1.64
N CYS A 24 9.38 -22.83 -2.92
CA CYS A 24 8.66 -23.62 -3.88
C CYS A 24 9.18 -23.59 -5.32
N SER A 25 10.40 -23.15 -5.50
CA SER A 25 11.07 -23.09 -6.77
C SER A 25 11.61 -24.43 -7.41
N THR A 26 12.17 -25.26 -6.54
CA THR A 26 12.90 -26.43 -6.90
C THR A 26 12.25 -27.72 -6.40
N GLU A 27 12.66 -28.85 -6.96
CA GLU A 27 12.14 -30.09 -6.44
C GLU A 27 12.46 -30.22 -4.91
N GLU A 28 13.65 -29.79 -4.54
CA GLU A 28 14.02 -29.85 -3.16
C GLU A 28 13.01 -29.00 -2.28
N ASP A 29 12.68 -27.79 -2.75
CA ASP A 29 11.78 -26.91 -2.05
C ASP A 29 10.40 -27.56 -1.90
N LEU A 30 9.94 -28.15 -3.00
CA LEU A 30 8.61 -28.66 -3.04
C LEU A 30 8.54 -29.89 -2.14
N ARG A 31 9.56 -30.72 -2.11
CA ARG A 31 9.58 -31.86 -1.23
C ARG A 31 9.62 -31.41 0.27
N CYS A 32 10.32 -30.32 0.51
CA CYS A 32 10.39 -29.73 1.86
C CYS A 32 9.02 -29.21 2.32
N MET A 33 8.34 -28.44 1.47
CA MET A 33 6.98 -28.03 1.79
C MET A 33 6.05 -29.22 2.01
N THR A 34 6.21 -30.25 1.18
CA THR A 34 5.41 -31.46 1.28
C THR A 34 5.63 -32.12 2.67
N ALA A 35 6.91 -32.19 3.07
CA ALA A 35 7.32 -32.74 4.36
C ALA A 35 6.80 -31.97 5.58
N SER A 36 6.55 -30.70 5.36
CA SER A 36 6.15 -29.79 6.41
C SER A 36 4.74 -30.12 6.87
N SER A 37 4.34 -29.45 7.95
CA SER A 37 3.05 -29.60 8.50
C SER A 37 1.97 -28.69 7.84
N SER A 38 2.34 -28.01 6.77
CA SER A 38 1.41 -27.14 6.02
C SER A 38 0.19 -28.00 5.59
N GLY A 39 -1.01 -27.42 5.53
CA GLY A 39 -2.17 -28.10 4.92
C GLY A 39 -2.11 -28.22 3.38
N ALA A 40 -1.30 -27.39 2.72
CA ALA A 40 -1.11 -27.47 1.29
C ALA A 40 0.20 -26.80 0.88
N LEU A 41 0.51 -26.81 -0.43
CA LEU A 41 1.61 -26.10 -0.97
C LEU A 41 1.24 -25.55 -2.35
N VAL A 42 1.91 -24.45 -2.73
CA VAL A 42 1.77 -23.94 -4.09
C VAL A 42 3.18 -23.84 -4.71
N SER A 43 3.30 -24.10 -5.99
CA SER A 43 4.62 -23.98 -6.72
C SER A 43 4.89 -22.58 -7.15
N LYS A 44 6.18 -22.24 -7.34
CA LYS A 44 6.56 -20.94 -7.84
C LYS A 44 5.81 -20.64 -9.14
N SER A 45 5.29 -19.41 -9.27
CA SER A 45 4.66 -18.93 -10.53
C SER A 45 5.64 -19.20 -11.67
N CYS A 46 5.17 -19.83 -12.76
CA CYS A 46 6.06 -20.17 -13.82
C CYS A 46 5.66 -19.54 -15.18
N THR A 47 6.67 -19.55 -16.04
CA THR A 47 6.57 -19.24 -17.44
C THR A 47 6.84 -20.51 -18.23
N SER A 48 6.55 -20.47 -19.53
CA SER A 48 6.84 -21.61 -20.41
C SER A 48 8.32 -21.98 -20.39
N ALA A 49 9.17 -20.98 -20.56
CA ALA A 49 10.63 -21.18 -20.59
C ALA A 49 11.15 -20.93 -19.17
N PRO A 50 12.18 -21.66 -18.76
CA PRO A 50 12.85 -21.32 -17.52
C PRO A 50 13.41 -19.87 -17.55
N ARG A 51 13.51 -19.24 -16.36
CA ARG A 51 14.07 -17.89 -16.15
C ARG A 51 15.08 -17.87 -14.99
N ASP A 52 16.18 -17.11 -15.21
CA ASP A 52 17.25 -16.87 -14.18
C ASP A 52 16.77 -15.79 -13.23
N GLY A 53 15.86 -14.91 -13.72
CA GLY A 53 15.35 -13.84 -12.89
C GLY A 53 16.30 -12.67 -12.88
N ASN A 54 16.08 -11.74 -11.98
CA ASN A 54 16.93 -10.51 -11.90
C ASN A 54 18.30 -10.70 -11.22
N PRO A 55 19.21 -9.71 -11.36
CA PRO A 55 20.44 -9.74 -10.63
C PRO A 55 20.25 -9.60 -9.11
N GLU A 56 21.12 -10.25 -8.35
CA GLU A 56 21.13 -10.20 -6.88
C GLU A 56 21.90 -8.99 -6.41
N PRO A 57 21.57 -8.46 -5.25
CA PRO A 57 20.50 -8.83 -4.31
C PRO A 57 19.15 -8.47 -4.83
N ARG A 58 18.18 -9.36 -4.64
CA ARG A 58 16.87 -9.12 -5.22
C ARG A 58 15.77 -9.41 -4.19
N TYR A 59 16.15 -9.84 -2.97
CA TYR A 59 15.24 -9.98 -1.88
C TYR A 59 15.98 -9.54 -0.63
N MET A 60 15.32 -8.79 0.26
CA MET A 60 15.88 -8.51 1.58
C MET A 60 14.75 -8.48 2.57
N ALA A 61 15.08 -8.87 3.80
CA ALA A 61 14.13 -8.88 4.83
C ALA A 61 14.61 -8.10 6.05
N PHE A 62 13.68 -7.60 6.83
CA PHE A 62 13.95 -6.66 7.92
C PHE A 62 12.88 -6.96 8.97
N PRO A 63 12.96 -6.29 10.18
CA PRO A 63 12.04 -6.58 11.23
C PRO A 63 10.58 -6.45 10.83
N LEU A 64 10.23 -5.50 9.98
CA LEU A 64 8.81 -5.33 9.65
C LEU A 64 8.42 -5.96 8.34
N GLY A 65 9.35 -6.57 7.62
CA GLY A 65 8.98 -7.32 6.41
C GLY A 65 10.09 -7.37 5.36
N SER A 66 9.67 -7.43 4.10
CA SER A 66 10.55 -7.76 3.06
C SER A 66 10.30 -6.93 1.82
N ILE A 67 11.31 -6.84 0.98
CA ILE A 67 11.12 -6.25 -0.36
C ILE A 67 11.72 -7.20 -1.35
N ASN A 68 11.10 -7.35 -2.51
CA ASN A 68 11.68 -8.21 -3.53
C ASN A 68 11.43 -7.66 -4.94
N SER A 69 12.42 -7.88 -5.81
CA SER A 69 12.17 -7.79 -7.18
C SER A 69 12.89 -8.97 -7.84
N MET A 70 12.31 -10.17 -7.65
CA MET A 70 13.00 -11.38 -8.04
C MET A 70 13.09 -11.53 -9.60
N GLY A 71 12.11 -10.98 -10.33
CA GLY A 71 12.05 -11.12 -11.82
C GLY A 71 11.58 -12.52 -12.28
N LEU A 72 10.81 -13.19 -11.42
CA LEU A 72 10.28 -14.53 -11.66
C LEU A 72 11.33 -15.54 -12.13
N PRO A 73 12.39 -15.74 -11.35
CA PRO A 73 13.20 -16.92 -11.62
C PRO A 73 12.39 -18.23 -11.41
N ASN A 74 12.47 -19.21 -12.32
CA ASN A 74 11.67 -20.44 -12.17
C ASN A 74 12.23 -21.48 -13.12
N LEU A 75 11.93 -22.75 -12.85
CA LEU A 75 12.45 -23.80 -13.68
C LEU A 75 11.71 -24.07 -14.98
N GLY A 76 10.70 -23.28 -15.27
CA GLY A 76 9.86 -23.51 -16.46
C GLY A 76 8.69 -24.42 -16.23
N PHE A 77 7.66 -24.22 -17.00
CA PHE A 77 6.43 -24.99 -16.86
C PHE A 77 6.57 -26.49 -16.93
N ASP A 78 7.35 -26.99 -17.84
CA ASP A 78 7.57 -28.43 -17.97
C ASP A 78 7.99 -29.06 -16.67
N PHE A 79 8.86 -28.38 -15.94
CA PHE A 79 9.26 -28.88 -14.60
C PHE A 79 8.11 -28.91 -13.59
N TYR A 80 7.32 -27.83 -13.43
CA TYR A 80 6.23 -27.84 -12.44
C TYR A 80 5.12 -28.83 -12.82
N LEU A 81 4.85 -28.95 -14.13
CA LEU A 81 3.89 -29.90 -14.65
C LEU A 81 4.32 -31.33 -14.40
N LYS A 82 5.61 -31.60 -14.56
CA LYS A 82 6.14 -32.95 -14.25
C LYS A 82 6.07 -33.24 -12.74
N TYR A 83 6.42 -32.26 -11.91
CA TYR A 83 6.27 -32.40 -10.45
C TYR A 83 4.79 -32.77 -10.11
N ALA A 84 3.84 -32.03 -10.66
CA ALA A 84 2.42 -32.31 -10.41
C ALA A 84 1.95 -33.67 -10.95
N SER A 85 2.41 -34.10 -12.11
CA SER A 85 1.92 -35.31 -12.72
C SER A 85 2.69 -36.52 -12.22
N ASP A 86 3.98 -36.42 -11.94
CA ASP A 86 4.76 -37.59 -11.62
C ASP A 86 5.39 -37.63 -10.25
N LEU A 87 5.64 -36.50 -9.59
CA LEU A 87 6.44 -36.53 -8.40
C LEU A 87 5.72 -36.22 -7.14
N HIS A 88 4.75 -35.31 -7.15
CA HIS A 88 4.05 -34.95 -5.90
C HIS A 88 3.29 -36.13 -5.25
N ASP A 89 3.43 -36.26 -3.94
CA ASP A 89 2.57 -37.19 -3.21
C ASP A 89 1.25 -36.55 -2.70
N TYR A 90 0.16 -36.77 -3.44
CA TYR A 90 -1.15 -36.20 -3.12
C TYR A 90 -1.73 -36.82 -1.84
N SER A 91 -1.26 -37.98 -1.41
CA SER A 91 -1.77 -38.54 -0.12
C SER A 91 -1.24 -37.67 1.02
N LYS A 92 -0.21 -36.86 0.79
CA LYS A 92 0.32 -36.02 1.86
C LYS A 92 -0.50 -34.71 2.03
N LYS A 93 -0.69 -33.97 0.94
CA LYS A 93 -1.52 -32.80 0.98
C LYS A 93 -1.80 -32.36 -0.46
N PRO A 94 -2.76 -31.50 -0.62
CA PRO A 94 -3.01 -30.98 -1.98
C PRO A 94 -1.92 -29.98 -2.49
N LEU A 95 -1.80 -29.94 -3.80
CA LEU A 95 -0.92 -29.07 -4.55
C LEU A 95 -1.67 -28.02 -5.41
N PHE A 96 -1.22 -26.76 -5.31
CA PHE A 96 -1.56 -25.67 -6.25
C PHE A 96 -0.38 -25.45 -7.17
N LEU A 97 -0.61 -25.21 -8.48
CA LEU A 97 0.40 -24.88 -9.38
C LEU A 97 0.07 -23.48 -9.86
N SER A 98 1.03 -22.61 -9.69
CA SER A 98 0.84 -21.22 -10.06
C SER A 98 1.45 -20.90 -11.40
N ILE A 99 0.70 -20.22 -12.22
CA ILE A 99 1.23 -19.77 -13.50
C ILE A 99 1.18 -18.24 -13.66
N SER A 100 2.16 -17.72 -14.37
CA SER A 100 2.22 -16.33 -14.66
C SER A 100 2.89 -15.99 -16.02
N GLY A 101 2.25 -16.32 -17.11
CA GLY A 101 2.83 -16.08 -18.41
C GLY A 101 2.92 -14.61 -18.78
N LEU A 102 3.75 -14.32 -19.75
CA LEU A 102 4.04 -12.99 -20.18
C LEU A 102 3.09 -12.47 -21.25
N SER A 103 2.17 -13.31 -21.65
CA SER A 103 1.13 -12.95 -22.57
C SER A 103 -0.09 -13.82 -22.37
N VAL A 104 -1.19 -13.40 -22.95
CA VAL A 104 -2.36 -14.20 -22.86
C VAL A 104 -2.09 -15.55 -23.54
N GLU A 105 -1.36 -15.60 -24.67
CA GLU A 105 -1.22 -16.83 -25.37
C GLU A 105 -0.31 -17.80 -24.55
N GLU A 106 0.74 -17.31 -23.90
CA GLU A 106 1.64 -18.17 -23.11
C GLU A 106 0.80 -18.74 -21.95
N ASN A 107 -0.07 -17.94 -21.31
CA ASN A 107 -1.02 -18.53 -20.31
C ASN A 107 -1.96 -19.58 -20.86
N VAL A 108 -2.55 -19.32 -22.05
CA VAL A 108 -3.41 -20.26 -22.67
C VAL A 108 -2.67 -21.57 -22.99
N ALA A 109 -1.45 -21.52 -23.55
CA ALA A 109 -0.77 -22.76 -23.86
C ALA A 109 -0.44 -23.56 -22.62
N MET A 110 -0.07 -22.90 -21.54
CA MET A 110 0.21 -23.61 -20.29
C MET A 110 -1.06 -24.24 -19.71
N VAL A 111 -2.15 -23.49 -19.59
CA VAL A 111 -3.36 -24.09 -19.00
C VAL A 111 -3.95 -25.23 -19.87
N ARG A 112 -3.81 -25.16 -21.18
CA ARG A 112 -4.25 -26.27 -22.03
C ARG A 112 -3.56 -27.55 -21.71
N ARG A 113 -2.26 -27.48 -21.43
CA ARG A 113 -1.49 -28.66 -21.04
C ARG A 113 -1.64 -29.07 -19.56
N LEU A 114 -1.96 -28.13 -18.69
CA LEU A 114 -2.23 -28.46 -17.27
C LEU A 114 -3.55 -29.20 -17.12
N ALA A 115 -4.53 -28.90 -17.97
CA ALA A 115 -5.87 -29.40 -17.78
C ALA A 115 -5.98 -30.90 -17.54
N PRO A 116 -5.38 -31.72 -18.39
CA PRO A 116 -5.50 -33.16 -18.17
C PRO A 116 -4.86 -33.67 -16.85
N VAL A 117 -3.79 -33.04 -16.43
CA VAL A 117 -3.14 -33.36 -15.15
C VAL A 117 -4.03 -32.87 -13.99
N ALA A 118 -4.68 -31.74 -14.14
CA ALA A 118 -5.65 -31.27 -13.15
C ALA A 118 -6.80 -32.26 -12.98
N GLN A 119 -7.31 -32.78 -14.09
CA GLN A 119 -8.42 -33.76 -14.10
C GLN A 119 -8.02 -35.09 -13.51
N GLU A 120 -6.85 -35.57 -13.88
CA GLU A 120 -6.42 -36.86 -13.42
C GLU A 120 -5.75 -36.89 -12.02
N LYS A 121 -5.00 -35.87 -11.65
CA LYS A 121 -4.30 -35.86 -10.31
C LYS A 121 -4.89 -34.87 -9.32
N GLY A 122 -5.66 -33.89 -9.79
CA GLY A 122 -6.29 -32.98 -8.80
C GLY A 122 -5.46 -31.75 -8.48
N VAL A 123 -4.33 -31.52 -9.20
CA VAL A 123 -3.61 -30.28 -9.02
C VAL A 123 -4.53 -29.09 -9.33
N LEU A 124 -4.44 -28.02 -8.54
CA LEU A 124 -5.30 -26.85 -8.63
C LEU A 124 -4.48 -25.68 -9.18
N LEU A 125 -5.04 -24.98 -10.16
CA LEU A 125 -4.43 -23.81 -10.79
C LEU A 125 -4.74 -22.46 -10.06
N GLU A 126 -3.69 -21.71 -9.78
CA GLU A 126 -3.66 -20.32 -9.28
C GLU A 126 -3.00 -19.50 -10.38
N LEU A 127 -3.79 -18.64 -10.97
CA LEU A 127 -3.29 -17.79 -12.02
C LEU A 127 -2.87 -16.45 -11.42
N ASN A 128 -1.60 -16.08 -11.58
CA ASN A 128 -1.06 -14.94 -10.98
C ASN A 128 -1.24 -13.79 -11.92
N LEU A 129 -2.22 -12.91 -11.59
CA LEU A 129 -2.50 -11.80 -12.50
C LEU A 129 -1.63 -10.55 -12.28
N SER A 130 -0.59 -10.65 -11.49
CA SER A 130 0.37 -9.59 -11.39
C SER A 130 1.44 -9.68 -12.46
N CYS A 131 1.25 -10.52 -13.46
CA CYS A 131 2.18 -10.57 -14.58
C CYS A 131 2.19 -9.22 -15.35
N PRO A 132 3.45 -8.95 -15.89
CA PRO A 132 3.50 -7.75 -16.71
C PRO A 132 2.68 -7.90 -17.98
N ASN A 133 2.15 -6.77 -18.35
CA ASN A 133 1.34 -6.41 -19.47
C ASN A 133 2.33 -6.17 -20.61
N VAL A 134 1.93 -5.38 -21.57
CA VAL A 134 2.88 -4.73 -22.40
C VAL A 134 3.67 -3.76 -21.51
N PRO A 135 5.07 -3.74 -21.66
CA PRO A 135 5.75 -2.82 -20.73
C PRO A 135 5.35 -1.36 -21.01
N GLY A 136 5.27 -0.59 -19.97
CA GLY A 136 4.64 0.69 -19.99
C GLY A 136 3.17 0.71 -19.66
N LYS A 137 2.58 -0.44 -19.47
CA LYS A 137 1.25 -0.51 -18.98
C LYS A 137 1.31 -1.14 -17.61
N PRO A 138 0.30 -0.92 -16.83
CA PRO A 138 0.46 -1.48 -15.45
C PRO A 138 0.34 -3.00 -15.54
N GLN A 139 0.57 -3.64 -14.40
CA GLN A 139 0.38 -5.07 -14.30
C GLN A 139 -1.05 -5.45 -14.72
N VAL A 140 -1.23 -6.68 -15.20
CA VAL A 140 -2.52 -7.08 -15.77
C VAL A 140 -3.73 -6.76 -14.83
N ALA A 141 -3.59 -7.02 -13.56
CA ALA A 141 -4.72 -6.88 -12.65
C ALA A 141 -4.99 -5.43 -12.32
N TYR A 142 -4.12 -4.51 -12.69
CA TYR A 142 -4.44 -3.14 -12.60
C TYR A 142 -4.89 -2.55 -13.94
N ASP A 143 -5.13 -3.41 -14.92
CA ASP A 143 -5.75 -3.03 -16.20
C ASP A 143 -6.95 -3.97 -16.39
N PHE A 144 -8.12 -3.47 -16.03
CA PHE A 144 -9.33 -4.31 -15.93
C PHE A 144 -9.77 -4.86 -17.26
N GLU A 145 -9.52 -4.15 -18.36
CA GLU A 145 -9.87 -4.75 -19.65
C GLU A 145 -8.87 -5.89 -20.02
N ALA A 146 -7.58 -5.73 -19.68
CA ALA A 146 -6.63 -6.82 -19.92
C ALA A 146 -6.96 -7.99 -19.03
N MET A 147 -7.33 -7.70 -17.77
CA MET A 147 -7.67 -8.79 -16.84
C MET A 147 -8.86 -9.59 -17.35
N ARG A 148 -9.84 -8.89 -17.89
CA ARG A 148 -10.97 -9.57 -18.49
C ARG A 148 -10.61 -10.48 -19.64
N THR A 149 -9.77 -9.98 -20.54
CA THR A 149 -9.26 -10.79 -21.63
C THR A 149 -8.56 -12.06 -21.19
N TYR A 150 -7.67 -11.87 -20.22
CA TYR A 150 -6.91 -13.04 -19.72
C TYR A 150 -7.85 -14.07 -19.14
N LEU A 151 -8.83 -13.64 -18.38
CA LEU A 151 -9.75 -14.58 -17.73
C LEU A 151 -10.68 -15.25 -18.73
N GLN A 152 -11.08 -14.53 -19.78
CA GLN A 152 -11.95 -15.20 -20.80
C GLN A 152 -11.19 -16.32 -21.47
N GLN A 153 -9.97 -15.99 -21.87
CA GLN A 153 -9.16 -16.92 -22.63
C GLN A 153 -8.71 -18.07 -21.77
N VAL A 154 -8.21 -17.83 -20.54
CA VAL A 154 -7.91 -18.92 -19.67
C VAL A 154 -9.17 -19.78 -19.31
N SER A 155 -10.34 -19.16 -19.06
CA SER A 155 -11.55 -19.94 -18.75
C SER A 155 -11.84 -20.89 -19.94
N LEU A 156 -11.92 -20.34 -21.15
CA LEU A 156 -12.15 -21.19 -22.38
C LEU A 156 -11.11 -22.30 -22.53
N ALA A 157 -9.85 -21.98 -22.35
CA ALA A 157 -8.79 -22.91 -22.61
C ALA A 157 -8.66 -24.02 -21.57
N TYR A 158 -8.98 -23.72 -20.31
CA TYR A 158 -8.81 -24.64 -19.21
C TYR A 158 -10.06 -25.44 -18.91
N GLY A 159 -11.19 -24.75 -18.82
CA GLY A 159 -12.49 -25.35 -18.67
C GLY A 159 -12.71 -26.00 -17.30
N LEU A 160 -11.84 -25.75 -16.32
CA LEU A 160 -11.96 -26.36 -14.99
C LEU A 160 -11.87 -25.25 -13.93
N PRO A 161 -12.38 -25.51 -12.73
CA PRO A 161 -12.28 -24.50 -11.72
C PRO A 161 -10.82 -24.14 -11.45
N PHE A 162 -10.56 -22.86 -11.25
CA PHE A 162 -9.24 -22.34 -10.91
C PHE A 162 -9.34 -21.13 -9.99
N GLY A 163 -8.20 -20.59 -9.58
CA GLY A 163 -8.18 -19.38 -8.76
C GLY A 163 -7.25 -18.37 -9.33
N VAL A 164 -7.36 -17.18 -8.78
CA VAL A 164 -6.60 -16.07 -9.24
C VAL A 164 -5.86 -15.41 -8.04
N LYS A 165 -4.61 -15.07 -8.21
CA LYS A 165 -3.83 -14.31 -7.22
C LYS A 165 -3.87 -12.85 -7.61
N MET A 166 -4.30 -12.02 -6.69
CA MET A 166 -4.60 -10.59 -6.96
C MET A 166 -3.62 -9.71 -6.23
N PRO A 167 -3.24 -8.59 -6.89
CA PRO A 167 -2.55 -7.58 -6.13
C PRO A 167 -3.48 -6.84 -5.20
N PRO A 168 -2.92 -6.11 -4.24
CA PRO A 168 -3.80 -5.22 -3.42
C PRO A 168 -4.38 -4.05 -4.25
N TYR A 169 -5.63 -3.67 -3.94
CA TYR A 169 -6.20 -2.40 -4.34
C TYR A 169 -6.43 -1.45 -3.13
N PHE A 170 -6.58 -0.18 -3.41
CA PHE A 170 -6.54 0.86 -2.37
C PHE A 170 -7.70 1.85 -2.46
N ASP A 171 -8.62 1.60 -3.38
CA ASP A 171 -9.74 2.51 -3.67
C ASP A 171 -11.00 1.64 -3.79
N ILE A 172 -12.10 2.10 -3.21
CA ILE A 172 -13.31 1.30 -3.16
C ILE A 172 -13.82 1.07 -4.63
N ALA A 173 -13.67 2.04 -5.52
CA ALA A 173 -14.10 1.88 -6.93
C ALA A 173 -13.35 0.73 -7.61
N HIS A 174 -12.08 0.58 -7.23
CA HIS A 174 -11.25 -0.56 -7.63
C HIS A 174 -11.68 -1.90 -7.10
N PHE A 175 -12.05 -1.93 -5.83
CA PHE A 175 -12.60 -3.15 -5.26
C PHE A 175 -13.86 -3.51 -6.04
N ASP A 176 -14.67 -2.50 -6.30
CA ASP A 176 -15.94 -2.73 -6.93
C ASP A 176 -15.75 -3.32 -8.33
N THR A 177 -14.91 -2.72 -9.13
CA THR A 177 -14.66 -3.14 -10.50
C THR A 177 -13.99 -4.50 -10.62
N ALA A 178 -12.98 -4.67 -9.79
CA ALA A 178 -12.19 -5.89 -9.81
C ALA A 178 -13.07 -7.07 -9.44
N ALA A 179 -13.90 -6.89 -8.42
CA ALA A 179 -14.81 -7.95 -8.06
C ALA A 179 -15.84 -8.19 -9.17
N ALA A 180 -16.35 -7.12 -9.78
CA ALA A 180 -17.32 -7.34 -10.85
C ALA A 180 -16.72 -8.16 -12.02
N VAL A 181 -15.47 -7.87 -12.36
CA VAL A 181 -14.80 -8.62 -13.39
C VAL A 181 -14.68 -10.10 -13.03
N LEU A 182 -14.17 -10.41 -11.82
CA LEU A 182 -14.03 -11.76 -11.38
C LEU A 182 -15.35 -12.48 -11.36
N ASN A 183 -16.41 -11.78 -10.96
CA ASN A 183 -17.76 -12.33 -10.90
C ASN A 183 -18.35 -12.63 -12.31
N GLU A 184 -17.71 -12.16 -13.35
CA GLU A 184 -18.09 -12.58 -14.71
C GLU A 184 -17.72 -14.01 -15.05
N PHE A 185 -16.81 -14.63 -14.24
CA PHE A 185 -16.19 -15.89 -14.58
C PHE A 185 -16.49 -16.97 -13.55
N PRO A 186 -17.54 -17.80 -13.82
CA PRO A 186 -17.92 -18.85 -12.84
C PRO A 186 -16.83 -19.91 -12.62
N LEU A 187 -15.87 -20.07 -13.49
CA LEU A 187 -14.79 -21.03 -13.17
C LEU A 187 -13.75 -20.50 -12.19
N VAL A 188 -13.74 -19.18 -11.93
CA VAL A 188 -12.85 -18.61 -10.89
C VAL A 188 -13.51 -18.93 -9.56
N LYS A 189 -13.01 -19.94 -8.88
CA LYS A 189 -13.63 -20.43 -7.65
C LYS A 189 -12.93 -19.95 -6.41
N PHE A 190 -11.73 -19.47 -6.53
CA PHE A 190 -11.06 -18.87 -5.38
C PHE A 190 -10.23 -17.66 -5.81
N VAL A 191 -10.15 -16.70 -4.93
CA VAL A 191 -9.40 -15.45 -5.14
C VAL A 191 -8.41 -15.33 -4.01
N THR A 192 -7.13 -15.25 -4.33
CA THR A 192 -6.08 -15.06 -3.32
C THR A 192 -5.66 -13.59 -3.19
N CYS A 193 -5.88 -13.01 -2.01
CA CYS A 193 -5.61 -11.62 -1.73
C CYS A 193 -4.63 -11.63 -0.56
N VAL A 194 -3.38 -11.14 -0.70
CA VAL A 194 -2.88 -10.35 -1.81
C VAL A 194 -1.46 -10.75 -2.13
N ASN A 195 -1.06 -10.44 -3.36
CA ASN A 195 0.34 -10.35 -3.76
C ASN A 195 1.03 -9.18 -2.98
N SER A 196 2.33 -9.05 -3.19
CA SER A 196 3.10 -7.99 -2.59
C SER A 196 2.57 -6.58 -2.89
N VAL A 197 2.78 -5.68 -1.94
CA VAL A 197 2.39 -4.29 -2.17
C VAL A 197 3.44 -3.63 -3.10
N GLY A 198 2.99 -3.26 -4.30
CA GLY A 198 3.90 -2.89 -5.37
C GLY A 198 4.84 -1.71 -5.16
N ASN A 199 6.08 -1.91 -5.61
CA ASN A 199 7.04 -0.82 -5.84
C ASN A 199 7.22 0.12 -4.65
N GLY A 200 7.42 -0.48 -3.48
CA GLY A 200 8.02 0.22 -2.39
C GLY A 200 9.49 0.37 -2.53
N LEU A 201 10.10 1.07 -1.58
CA LEU A 201 11.51 1.39 -1.69
C LEU A 201 12.11 1.40 -0.28
N VAL A 202 13.02 0.48 -0.01
CA VAL A 202 13.73 0.42 1.25
C VAL A 202 15.12 1.03 1.08
N ILE A 203 15.41 1.94 2.00
CA ILE A 203 16.68 2.58 2.00
C ILE A 203 17.40 2.33 3.34
N ASP A 204 18.66 2.00 3.24
CA ASP A 204 19.52 1.72 4.40
C ASP A 204 20.21 3.06 4.79
N ALA A 205 19.93 3.57 5.98
CA ALA A 205 20.46 4.86 6.39
C ALA A 205 22.00 4.93 6.49
N GLU A 206 22.62 3.86 6.98
CA GLU A 206 24.09 3.79 7.16
C GLU A 206 24.82 3.91 5.85
N SER A 207 24.42 3.07 4.91
CA SER A 207 25.07 3.12 3.62
C SER A 207 24.48 4.15 2.62
N GLU A 208 23.31 4.69 2.91
CA GLU A 208 22.65 5.70 2.06
C GLU A 208 22.25 5.13 0.75
N SER A 209 21.94 3.84 0.80
CA SER A 209 21.75 3.01 -0.42
C SER A 209 20.44 2.22 -0.38
N VAL A 210 19.82 2.06 -1.53
CA VAL A 210 18.72 1.06 -1.67
C VAL A 210 19.28 -0.34 -1.39
N VAL A 211 18.43 -1.32 -1.09
CA VAL A 211 18.93 -2.59 -0.61
C VAL A 211 18.77 -3.72 -1.61
N ILE A 212 18.05 -3.47 -2.72
CA ILE A 212 18.05 -4.43 -3.79
C ILE A 212 18.51 -3.77 -5.09
N LYS A 213 18.99 -4.59 -6.00
CA LYS A 213 19.65 -4.13 -7.22
C LYS A 213 18.71 -3.79 -8.39
N PRO A 214 17.78 -4.66 -8.68
CA PRO A 214 16.89 -4.34 -9.81
C PRO A 214 16.08 -3.08 -9.59
N LYS A 215 15.70 -2.43 -10.71
CA LYS A 215 14.69 -1.43 -10.66
C LYS A 215 15.04 -0.26 -9.69
N GLN A 216 16.33 0.08 -9.61
CA GLN A 216 16.80 1.16 -8.78
C GLN A 216 16.32 1.03 -7.33
N GLY A 217 16.14 -0.22 -6.90
CA GLY A 217 15.78 -0.52 -5.51
C GLY A 217 14.32 -0.65 -5.25
N PHE A 218 13.45 -0.44 -6.28
CA PHE A 218 12.02 -0.57 -6.05
C PHE A 218 11.58 -2.06 -6.10
N GLY A 219 10.71 -2.48 -5.20
CA GLY A 219 10.21 -3.85 -5.23
C GLY A 219 8.99 -4.01 -4.38
N GLY A 220 8.35 -5.17 -4.52
CA GLY A 220 7.15 -5.47 -3.81
C GLY A 220 7.42 -5.70 -2.31
N LEU A 221 6.52 -5.22 -1.49
CA LEU A 221 6.65 -5.34 -0.03
C LEU A 221 5.79 -6.48 0.47
N GLY A 222 6.34 -7.21 1.41
CA GLY A 222 5.61 -8.15 2.16
C GLY A 222 5.84 -8.01 3.66
N GLY A 223 5.13 -8.83 4.40
CA GLY A 223 5.35 -8.90 5.81
C GLY A 223 4.46 -7.96 6.66
N LYS A 224 4.96 -7.59 7.86
CA LYS A 224 4.16 -6.76 8.77
C LYS A 224 3.64 -5.45 8.18
N TYR A 225 4.41 -4.82 7.29
CA TYR A 225 3.98 -3.67 6.54
C TYR A 225 2.57 -3.81 5.98
N ILE A 226 2.19 -5.01 5.57
CA ILE A 226 1.09 -5.12 4.66
C ILE A 226 -0.16 -5.85 5.25
N LEU A 227 -0.14 -6.17 6.55
CA LEU A 227 -1.25 -6.93 7.08
C LEU A 227 -2.58 -6.19 6.95
N PRO A 228 -2.69 -4.91 7.40
CA PRO A 228 -4.02 -4.29 7.30
C PRO A 228 -4.51 -4.14 5.85
N THR A 229 -3.57 -3.94 4.91
CA THR A 229 -3.86 -3.87 3.48
C THR A 229 -4.39 -5.27 3.05
N ALA A 230 -3.74 -6.35 3.53
CA ALA A 230 -4.15 -7.68 3.07
C ALA A 230 -5.57 -8.00 3.65
N LEU A 231 -5.77 -7.74 4.95
CA LEU A 231 -7.08 -7.92 5.58
C LEU A 231 -8.20 -7.15 4.85
N ALA A 232 -7.90 -5.93 4.45
CA ALA A 232 -8.88 -5.16 3.73
C ALA A 232 -9.28 -5.85 2.41
N ASN A 233 -8.27 -6.31 1.69
CA ASN A 233 -8.55 -6.93 0.39
C ASN A 233 -9.31 -8.25 0.55
N VAL A 234 -8.93 -9.08 1.52
CA VAL A 234 -9.65 -10.34 1.83
C VAL A 234 -11.09 -9.99 2.11
N ASN A 235 -11.35 -9.02 2.97
CA ASN A 235 -12.72 -8.77 3.35
C ASN A 235 -13.50 -8.12 2.20
N ALA A 236 -12.84 -7.27 1.43
CA ALA A 236 -13.52 -6.60 0.31
C ALA A 236 -14.04 -7.61 -0.69
N PHE A 237 -13.21 -8.59 -1.00
CA PHE A 237 -13.52 -9.62 -2.02
C PHE A 237 -14.47 -10.66 -1.40
N TYR A 238 -14.30 -10.94 -0.09
CA TYR A 238 -15.22 -11.81 0.60
C TYR A 238 -16.65 -11.30 0.52
N ARG A 239 -16.80 -10.00 0.74
CA ARG A 239 -18.11 -9.40 0.72
C ARG A 239 -18.63 -9.27 -0.76
N ARG A 240 -17.77 -9.10 -1.73
CA ARG A 240 -18.25 -8.85 -3.11
C ARG A 240 -18.39 -10.10 -3.98
N CYS A 241 -17.75 -11.19 -3.54
CA CYS A 241 -17.79 -12.46 -4.26
C CYS A 241 -18.38 -13.60 -3.44
N PRO A 242 -19.72 -13.63 -3.28
CA PRO A 242 -20.33 -14.65 -2.41
C PRO A 242 -20.29 -16.09 -2.93
N ASP A 243 -20.13 -16.30 -4.22
CA ASP A 243 -19.94 -17.64 -4.79
C ASP A 243 -18.51 -18.11 -4.96
N LYS A 244 -17.52 -17.34 -4.43
CA LYS A 244 -16.12 -17.72 -4.55
C LYS A 244 -15.53 -17.84 -3.15
N LEU A 245 -14.47 -18.62 -3.02
CA LEU A 245 -13.63 -18.65 -1.82
C LEU A 245 -12.61 -17.52 -1.88
N VAL A 246 -12.19 -16.98 -0.70
CA VAL A 246 -11.07 -16.10 -0.64
C VAL A 246 -9.99 -16.78 0.22
N PHE A 247 -8.76 -16.80 -0.32
CA PHE A 247 -7.57 -17.19 0.40
C PHE A 247 -6.84 -15.89 0.78
N GLY A 248 -6.31 -15.87 1.98
CA GLY A 248 -5.67 -14.72 2.51
C GLY A 248 -4.20 -14.89 2.44
N CYS A 249 -3.50 -13.80 2.14
CA CYS A 249 -2.06 -13.84 2.03
C CYS A 249 -1.58 -12.43 2.37
N GLY A 250 -0.67 -12.29 3.34
CA GLY A 250 -0.01 -11.03 3.66
C GLY A 250 0.10 -10.79 5.17
N GLY A 251 1.35 -10.63 5.61
CA GLY A 251 1.61 -10.30 6.95
C GLY A 251 1.37 -11.32 8.02
N VAL A 252 1.26 -12.61 7.65
CA VAL A 252 1.00 -13.62 8.62
C VAL A 252 2.30 -14.06 9.27
N TYR A 253 2.43 -13.82 10.58
CA TYR A 253 3.55 -14.25 11.41
C TYR A 253 3.12 -15.02 12.65
N SER A 254 1.82 -15.18 12.87
CA SER A 254 1.37 -15.76 14.11
C SER A 254 0.02 -16.36 13.91
N GLY A 255 -0.40 -17.15 14.89
CA GLY A 255 -1.75 -17.73 14.82
C GLY A 255 -2.78 -16.58 14.91
N GLU A 256 -2.41 -15.48 15.61
CA GLU A 256 -3.35 -14.37 15.71
C GLU A 256 -3.56 -13.67 14.37
N ASP A 257 -2.48 -13.49 13.60
CA ASP A 257 -2.60 -12.87 12.28
C ASP A 257 -3.46 -13.77 11.41
N ALA A 258 -3.23 -15.09 11.49
CA ALA A 258 -4.08 -16.05 10.74
C ALA A 258 -5.56 -15.98 11.15
N PHE A 259 -5.81 -15.87 12.45
CA PHE A 259 -7.12 -15.64 12.99
C PHE A 259 -7.83 -14.41 12.39
N LEU A 260 -7.09 -13.30 12.24
CA LEU A 260 -7.66 -12.11 11.67
C LEU A 260 -8.04 -12.30 10.23
N HIS A 261 -7.16 -12.91 9.46
CA HIS A 261 -7.45 -13.25 8.09
C HIS A 261 -8.73 -14.02 7.96
N ILE A 262 -8.88 -15.03 8.79
CA ILE A 262 -10.01 -15.93 8.76
C ILE A 262 -11.29 -15.19 9.11
N LEU A 263 -11.18 -14.33 10.09
CA LEU A 263 -12.27 -13.45 10.49
C LEU A 263 -12.73 -12.56 9.34
N ALA A 264 -11.78 -12.10 8.57
CA ALA A 264 -11.97 -11.25 7.40
C ALA A 264 -12.71 -11.99 6.26
N GLY A 265 -12.62 -13.29 6.29
CA GLY A 265 -13.15 -14.17 5.25
C GLY A 265 -12.26 -15.29 4.65
N ALA A 266 -11.01 -15.34 5.03
CA ALA A 266 -10.08 -16.27 4.45
C ALA A 266 -10.47 -17.73 4.70
N SER A 267 -10.28 -18.53 3.68
CA SER A 267 -10.37 -19.96 3.81
C SER A 267 -8.95 -20.50 4.06
N MET A 268 -8.15 -20.64 3.02
CA MET A 268 -6.73 -20.92 3.15
C MET A 268 -5.99 -19.63 3.59
N VAL A 269 -4.88 -19.78 4.26
CA VAL A 269 -4.06 -18.72 4.72
C VAL A 269 -2.58 -19.00 4.29
N GLN A 270 -1.99 -18.11 3.51
CA GLN A 270 -0.70 -18.34 2.93
C GLN A 270 0.31 -17.49 3.73
N VAL A 271 1.55 -17.97 3.72
CA VAL A 271 2.61 -17.43 4.51
C VAL A 271 3.81 -17.31 3.58
N GLY A 272 4.20 -16.07 3.39
CA GLY A 272 5.37 -15.69 2.55
C GLY A 272 6.57 -15.31 3.38
N THR A 273 6.75 -14.02 3.62
CA THR A 273 7.91 -13.48 4.25
C THR A 273 8.27 -14.22 5.54
N ALA A 274 7.28 -14.52 6.35
CA ALA A 274 7.62 -15.10 7.69
C ALA A 274 8.19 -16.54 7.50
N LEU A 275 7.69 -17.23 6.47
CA LEU A 275 8.14 -18.56 6.11
C LEU A 275 9.61 -18.48 5.52
N GLN A 276 9.84 -17.56 4.59
CA GLN A 276 11.18 -17.22 4.12
C GLN A 276 12.15 -16.99 5.30
N GLU A 277 11.69 -16.29 6.34
CA GLU A 277 12.56 -15.93 7.39
C GLU A 277 12.75 -17.00 8.44
N GLU A 278 11.69 -17.71 8.79
CA GLU A 278 11.71 -18.65 9.85
C GLU A 278 11.89 -20.09 9.37
N GLY A 279 11.55 -20.40 8.12
CA GLY A 279 11.59 -21.79 7.68
C GLY A 279 10.29 -22.55 7.99
N PRO A 280 10.20 -23.81 7.53
CA PRO A 280 8.97 -24.57 7.49
C PRO A 280 8.46 -25.02 8.83
N GLY A 281 9.30 -24.90 9.86
CA GLY A 281 8.88 -25.09 11.24
C GLY A 281 7.78 -24.11 11.64
N ILE A 282 7.73 -22.96 10.97
CA ILE A 282 6.68 -21.97 11.27
C ILE A 282 5.27 -22.66 11.23
N PHE A 283 5.06 -23.68 10.39
CA PHE A 283 3.70 -24.24 10.27
C PHE A 283 3.24 -24.86 11.58
N THR A 284 4.14 -25.54 12.30
CA THR A 284 3.63 -26.15 13.58
C THR A 284 3.28 -25.08 14.59
N ARG A 285 4.06 -24.02 14.63
CA ARG A 285 3.81 -22.93 15.57
C ARG A 285 2.52 -22.23 15.25
N LEU A 286 2.26 -22.04 13.96
CA LEU A 286 1.02 -21.35 13.54
C LEU A 286 -0.25 -22.14 13.90
N GLU A 287 -0.18 -23.43 13.70
CA GLU A 287 -1.26 -24.31 14.03
C GLU A 287 -1.49 -24.30 15.54
N ASP A 288 -0.44 -24.52 16.33
CA ASP A 288 -0.54 -24.41 17.79
C ASP A 288 -1.10 -23.08 18.29
N GLU A 289 -0.62 -21.94 17.73
CA GLU A 289 -1.11 -20.63 18.19
C GLU A 289 -2.58 -20.40 17.77
N LEU A 290 -2.97 -20.83 16.55
CA LEU A 290 -4.36 -20.68 16.13
C LEU A 290 -5.27 -21.55 17.01
N LEU A 291 -4.90 -22.79 17.27
CA LEU A 291 -5.69 -23.66 18.16
C LEU A 291 -5.81 -23.10 19.54
N GLU A 292 -4.80 -22.36 19.99
CA GLU A 292 -4.84 -21.82 21.36
C GLU A 292 -5.90 -20.69 21.45
N ILE A 293 -5.91 -19.81 20.43
CA ILE A 293 -6.88 -18.75 20.32
C ILE A 293 -8.30 -19.31 20.26
N MET A 294 -8.51 -20.32 19.38
CA MET A 294 -9.81 -20.99 19.27
C MET A 294 -10.26 -21.61 20.61
N ALA A 295 -9.35 -22.28 21.29
CA ALA A 295 -9.69 -22.88 22.57
C ALA A 295 -10.16 -21.82 23.60
N ARG A 296 -9.40 -20.75 23.74
CA ARG A 296 -9.73 -19.66 24.63
C ARG A 296 -11.09 -19.01 24.30
N LYS A 297 -11.48 -18.98 23.03
CA LYS A 297 -12.75 -18.36 22.64
C LYS A 297 -13.88 -19.36 22.55
N GLY A 298 -13.58 -20.64 22.70
CA GLY A 298 -14.62 -21.66 22.54
C GLY A 298 -14.98 -22.06 21.12
N TYR A 299 -14.13 -21.77 20.15
CA TYR A 299 -14.42 -22.13 18.78
C TYR A 299 -13.86 -23.54 18.52
N ARG A 300 -14.67 -24.37 17.89
CA ARG A 300 -14.29 -25.74 17.54
C ARG A 300 -13.88 -25.98 16.10
N THR A 301 -14.46 -25.22 15.20
CA THR A 301 -14.05 -25.26 13.81
C THR A 301 -13.78 -23.84 13.25
N LEU A 302 -13.11 -23.81 12.11
CA LEU A 302 -12.88 -22.55 11.37
C LEU A 302 -14.19 -21.84 10.86
N GLU A 303 -15.19 -22.61 10.48
CA GLU A 303 -16.44 -22.01 9.89
C GLU A 303 -17.25 -21.28 10.94
N GLU A 304 -16.97 -21.57 12.21
CA GLU A 304 -17.59 -20.89 13.29
C GLU A 304 -17.25 -19.42 13.30
N PHE A 305 -16.08 -19.04 12.82
CA PHE A 305 -15.73 -17.62 12.80
C PHE A 305 -15.29 -17.08 11.45
N ARG A 306 -15.20 -17.90 10.39
CA ARG A 306 -14.76 -17.40 9.11
C ARG A 306 -15.73 -16.32 8.61
N GLY A 307 -15.18 -15.16 8.30
CA GLY A 307 -15.93 -14.01 7.75
C GLY A 307 -16.83 -13.31 8.79
N ARG A 308 -16.69 -13.60 10.07
CA ARG A 308 -17.59 -13.07 11.07
C ARG A 308 -17.01 -11.85 11.78
N VAL A 309 -16.11 -11.14 11.11
CA VAL A 309 -15.58 -9.92 11.66
C VAL A 309 -16.78 -9.01 11.99
N LYS A 310 -16.79 -8.37 13.16
CA LYS A 310 -17.87 -7.41 13.49
C LYS A 310 -17.56 -6.01 13.07
N THR A 311 -18.58 -5.29 12.64
CA THR A 311 -18.49 -3.84 12.40
C THR A 311 -19.11 -3.12 13.57
N ILE A 312 -18.84 -1.84 13.73
CA ILE A 312 -19.33 -1.05 14.84
C ILE A 312 -20.63 -0.35 14.33
N GLU A 313 -21.76 -0.57 14.99
CA GLU A 313 -23.14 -0.36 14.36
C GLU A 313 -23.27 -1.11 13.00
N MET B 1 26.19 24.38 13.15
CA MET B 1 25.20 23.59 12.37
C MET B 1 23.71 23.84 12.77
N CYS B 2 22.93 24.31 11.80
CA CYS B 2 21.48 24.54 11.89
C CYS B 2 20.82 24.11 10.55
N LEU B 3 19.55 23.74 10.62
CA LEU B 3 18.80 23.15 9.53
C LEU B 3 18.02 24.12 8.66
N LYS B 4 18.24 25.42 8.78
CA LYS B 4 17.41 26.36 8.01
C LYS B 4 17.59 26.18 6.50
N LEU B 5 16.53 26.44 5.72
CA LEU B 5 16.47 26.34 4.27
C LEU B 5 15.52 27.37 3.70
N ASN B 6 15.57 27.57 2.38
CA ASN B 6 14.82 28.57 1.69
C ASN B 6 14.18 27.89 0.56
N LEU B 7 12.85 27.90 0.46
CA LEU B 7 12.17 27.47 -0.76
C LEU B 7 10.87 28.15 -1.00
N LEU B 8 10.46 28.13 -2.25
CA LEU B 8 9.25 28.77 -2.67
C LEU B 8 9.29 30.22 -2.20
N ASP B 9 10.46 30.83 -2.19
CA ASP B 9 10.62 32.21 -1.69
C ASP B 9 10.24 32.48 -0.22
N HIS B 10 10.35 31.46 0.61
CA HIS B 10 10.12 31.56 2.04
C HIS B 10 11.31 30.96 2.73
N VAL B 11 11.51 31.36 3.97
CA VAL B 11 12.55 30.82 4.80
C VAL B 11 11.96 29.89 5.85
N PHE B 12 12.60 28.76 6.04
CA PHE B 12 12.12 27.76 7.00
C PHE B 12 13.24 27.45 7.97
N ALA B 13 13.00 27.50 9.27
CA ALA B 13 14.03 27.16 10.28
C ALA B 13 14.55 25.73 10.18
N ASN B 14 13.71 24.83 9.64
CA ASN B 14 14.05 23.42 9.51
C ASN B 14 13.04 22.82 8.56
N PRO B 15 13.25 21.60 8.09
CA PRO B 15 12.36 21.05 7.10
C PRO B 15 11.09 20.32 7.61
N PHE B 16 10.85 20.36 8.91
CA PHE B 16 9.71 19.66 9.52
C PHE B 16 8.43 20.48 9.59
N MET B 17 7.29 19.80 9.39
CA MET B 17 5.93 20.35 9.61
C MET B 17 5.00 19.24 9.83
N ASN B 18 3.79 19.57 10.27
CA ASN B 18 2.77 18.61 10.44
C ASN B 18 2.30 18.20 9.08
N ALA B 19 1.72 17.02 9.05
CA ALA B 19 0.97 16.60 7.90
C ALA B 19 -0.43 17.15 7.97
N ALA B 20 -1.00 17.51 6.81
CA ALA B 20 -2.33 17.99 6.75
C ALA B 20 -3.25 17.01 7.46
N GLY B 21 -4.14 17.59 8.30
CA GLY B 21 -5.11 16.91 9.08
C GLY B 21 -4.76 16.63 10.53
N VAL B 22 -3.46 16.61 10.86
CA VAL B 22 -2.99 16.38 12.23
C VAL B 22 -2.65 17.70 12.88
N LEU B 23 -3.25 17.93 14.04
CA LEU B 23 -3.00 19.10 14.87
C LEU B 23 -3.14 20.42 14.11
N CYS B 24 -4.18 20.54 13.30
CA CYS B 24 -4.34 21.70 12.48
C CYS B 24 -5.76 22.08 12.12
N SER B 25 -6.73 21.58 12.89
CA SER B 25 -8.14 21.83 12.61
C SER B 25 -8.76 23.12 13.19
N THR B 26 -8.35 23.49 14.38
CA THR B 26 -8.93 24.58 15.11
C THR B 26 -7.88 25.66 15.33
N GLU B 27 -8.33 26.84 15.79
CA GLU B 27 -7.44 27.92 16.05
C GLU B 27 -6.42 27.50 17.12
N GLU B 28 -6.92 26.81 18.14
CA GLU B 28 -6.08 26.23 19.23
C GLU B 28 -4.98 25.33 18.64
N ASP B 29 -5.34 24.48 17.68
CA ASP B 29 -4.35 23.57 17.05
C ASP B 29 -3.33 24.37 16.29
N LEU B 30 -3.79 25.34 15.50
CA LEU B 30 -2.86 26.15 14.67
C LEU B 30 -1.93 27.01 15.49
N ARG B 31 -2.43 27.60 16.57
CA ARG B 31 -1.56 28.29 17.54
C ARG B 31 -0.53 27.36 18.20
N CYS B 32 -0.95 26.16 18.54
CA CYS B 32 -0.02 25.19 19.09
C CYS B 32 1.07 24.77 18.08
N MET B 33 0.70 24.52 16.81
CA MET B 33 1.69 24.25 15.78
C MET B 33 2.63 25.43 15.53
N THR B 34 2.13 26.63 15.59
CA THR B 34 2.91 27.81 15.36
C THR B 34 3.94 27.90 16.52
N ALA B 35 3.52 27.55 17.73
CA ALA B 35 4.41 27.68 18.95
C ALA B 35 5.48 26.62 19.04
N SER B 36 5.31 25.52 18.29
CA SER B 36 6.25 24.41 18.19
C SER B 36 7.51 24.81 17.47
N SER B 37 8.46 23.88 17.50
CA SER B 37 9.73 24.07 16.81
C SER B 37 9.60 23.67 15.37
N SER B 38 8.43 23.26 14.91
CA SER B 38 8.30 22.98 13.41
C SER B 38 8.82 24.16 12.58
N GLY B 39 9.33 23.83 11.42
CA GLY B 39 9.71 24.81 10.46
C GLY B 39 8.57 25.44 9.71
N ALA B 40 7.46 24.75 9.61
CA ALA B 40 6.23 25.28 9.00
C ALA B 40 4.98 24.57 9.59
N LEU B 41 3.79 24.93 9.09
CA LEU B 41 2.55 24.28 9.42
C LEU B 41 1.61 24.35 8.21
N VAL B 42 0.72 23.38 8.16
CA VAL B 42 -0.38 23.27 7.14
C VAL B 42 -1.70 23.04 7.83
N SER B 43 -2.72 23.76 7.38
CA SER B 43 -4.04 23.68 8.00
C SER B 43 -4.78 22.41 7.48
N LYS B 44 -5.84 22.01 8.18
CA LYS B 44 -6.68 20.84 7.83
C LYS B 44 -7.25 21.08 6.41
N SER B 45 -7.28 20.07 5.53
CA SER B 45 -7.92 20.26 4.21
C SER B 45 -9.37 20.68 4.37
N CYS B 46 -9.77 21.73 3.66
CA CYS B 46 -11.11 22.28 3.92
C CYS B 46 -12.03 22.25 2.73
N THR B 47 -13.32 22.38 3.05
CA THR B 47 -14.42 22.51 2.10
C THR B 47 -15.02 23.92 2.26
N SER B 48 -15.84 24.35 1.31
CA SER B 48 -16.42 25.68 1.35
C SER B 48 -17.23 25.78 2.62
N ALA B 49 -17.98 24.72 2.96
CA ALA B 49 -18.87 24.77 4.15
C ALA B 49 -18.21 23.91 5.25
N PRO B 50 -18.44 24.19 6.56
CA PRO B 50 -17.92 23.33 7.60
C PRO B 50 -18.49 21.91 7.51
N ARG B 51 -17.80 20.90 8.05
CA ARG B 51 -18.26 19.53 8.09
C ARG B 51 -17.99 18.98 9.48
N ASP B 52 -18.93 18.19 10.00
CA ASP B 52 -18.74 17.44 11.22
C ASP B 52 -17.90 16.21 10.98
N GLY B 53 -17.81 15.72 9.75
CA GLY B 53 -17.08 14.46 9.52
C GLY B 53 -17.87 13.19 9.89
N ASN B 54 -17.19 12.07 9.91
CA ASN B 54 -17.80 10.75 10.17
C ASN B 54 -18.00 10.48 11.64
N PRO B 55 -18.88 9.52 11.92
CA PRO B 55 -19.07 9.06 13.32
C PRO B 55 -17.83 8.49 13.97
N GLU B 56 -17.66 8.69 15.30
CA GLU B 56 -16.55 8.17 16.05
C GLU B 56 -16.88 6.78 16.57
N PRO B 57 -15.86 5.93 16.78
CA PRO B 57 -14.44 6.17 16.56
C PRO B 57 -14.06 6.19 15.05
N ARG B 58 -13.18 7.13 14.66
CA ARG B 58 -12.85 7.35 13.29
C ARG B 58 -11.30 7.45 13.06
N TYR B 59 -10.53 7.37 14.15
CA TYR B 59 -9.10 7.33 14.07
C TYR B 59 -8.63 6.41 15.14
N MET B 60 -7.71 5.55 14.80
CA MET B 60 -7.08 4.71 15.85
C MET B 60 -5.62 4.47 15.56
N ALA B 61 -4.84 4.37 16.63
CA ALA B 61 -3.45 4.13 16.48
C ALA B 61 -2.89 2.96 17.25
N PHE B 62 -1.78 2.45 16.76
CA PHE B 62 -1.19 1.18 17.20
C PHE B 62 0.29 1.30 17.08
N PRO B 63 1.02 0.32 17.65
CA PRO B 63 2.46 0.34 17.60
C PRO B 63 2.98 0.61 16.20
N LEU B 64 2.41 0.00 15.15
CA LEU B 64 2.99 0.15 13.82
C LEU B 64 2.36 1.26 12.96
N GLY B 65 1.34 1.92 13.49
CA GLY B 65 0.77 3.05 12.76
C GLY B 65 -0.68 3.31 13.05
N SER B 66 -1.39 3.86 12.09
CA SER B 66 -2.73 4.34 12.38
C SER B 66 -3.65 4.06 11.21
N ILE B 67 -4.92 4.10 11.53
CA ILE B 67 -6.02 4.04 10.53
C ILE B 67 -7.02 5.14 10.77
N ASN B 68 -7.58 5.75 9.69
CA ASN B 68 -8.53 6.79 9.84
C ASN B 68 -9.49 6.81 8.66
N SER B 69 -10.75 7.18 9.04
CA SER B 69 -11.73 7.55 8.04
C SER B 69 -12.49 8.73 8.66
N MET B 70 -11.76 9.86 8.73
CA MET B 70 -12.25 11.02 9.50
C MET B 70 -13.50 11.62 8.83
N GLY B 71 -13.55 11.59 7.51
CA GLY B 71 -14.64 12.23 6.72
C GLY B 71 -14.53 13.72 6.54
N LEU B 72 -13.30 14.22 6.61
CA LEU B 72 -12.98 15.60 6.46
C LEU B 72 -13.76 16.55 7.35
N PRO B 73 -13.70 16.34 8.65
CA PRO B 73 -14.23 17.31 9.62
C PRO B 73 -13.35 18.57 9.51
N ASN B 74 -13.94 19.75 9.45
CA ASN B 74 -13.21 21.01 9.27
C ASN B 74 -14.12 22.19 9.54
N LEU B 75 -13.53 23.32 9.88
CA LEU B 75 -14.25 24.48 10.22
C LEU B 75 -14.79 25.29 9.02
N GLY B 76 -14.49 24.83 7.81
CA GLY B 76 -14.81 25.52 6.59
C GLY B 76 -13.73 26.53 6.13
N PHE B 77 -13.74 26.81 4.81
CA PHE B 77 -12.82 27.64 4.15
C PHE B 77 -12.77 29.05 4.76
N ASP B 78 -13.93 29.63 5.11
CA ASP B 78 -13.92 30.98 5.68
C ASP B 78 -13.06 31.07 6.92
N PHE B 79 -13.11 30.04 7.74
CA PHE B 79 -12.21 30.01 8.90
C PHE B 79 -10.72 29.94 8.57
N TYR B 80 -10.33 29.01 7.70
CA TYR B 80 -8.88 28.87 7.38
C TYR B 80 -8.34 30.12 6.64
N LEU B 81 -9.18 30.68 5.74
CA LEU B 81 -8.85 31.91 5.08
C LEU B 81 -8.67 33.08 6.07
N LYS B 82 -9.52 33.20 7.06
CA LYS B 82 -9.40 34.24 8.10
C LYS B 82 -8.17 33.99 8.94
N TYR B 83 -7.96 32.73 9.27
CA TYR B 83 -6.68 32.37 9.91
C TYR B 83 -5.46 32.84 9.11
N ALA B 84 -5.37 32.50 7.85
CA ALA B 84 -4.25 32.91 7.03
C ALA B 84 -4.11 34.47 6.91
N SER B 85 -5.26 35.12 6.84
CA SER B 85 -5.35 36.53 6.56
C SER B 85 -5.10 37.43 7.77
N ASP B 86 -5.66 37.08 8.92
CA ASP B 86 -5.78 37.97 10.07
C ASP B 86 -5.07 37.43 11.30
N LEU B 87 -4.86 36.11 11.41
CA LEU B 87 -4.44 35.50 12.72
C LEU B 87 -3.07 34.92 12.73
N HIS B 88 -2.62 34.34 11.63
CA HIS B 88 -1.33 33.70 11.64
C HIS B 88 -0.17 34.69 11.74
N ASP B 89 0.83 34.33 12.56
CA ASP B 89 2.01 35.12 12.66
C ASP B 89 3.11 34.63 11.70
N TYR B 90 3.19 35.30 10.58
CA TYR B 90 4.14 34.92 9.57
C TYR B 90 5.61 35.18 9.99
N SER B 91 5.84 35.94 11.07
CA SER B 91 7.20 36.15 11.55
C SER B 91 7.73 34.88 12.22
N LYS B 92 6.82 34.03 12.70
CA LYS B 92 7.17 32.76 13.34
C LYS B 92 7.53 31.65 12.33
N LYS B 93 6.70 31.42 11.31
CA LYS B 93 7.01 30.43 10.29
C LYS B 93 5.98 30.54 9.17
N PRO B 94 6.30 29.99 8.02
CA PRO B 94 5.36 29.92 6.90
C PRO B 94 4.13 29.02 7.13
N LEU B 95 3.04 29.32 6.42
CA LEU B 95 1.81 28.61 6.49
C LEU B 95 1.39 28.11 5.13
N PHE B 96 0.97 26.82 5.11
CA PHE B 96 0.37 26.21 4.00
C PHE B 96 -1.11 26.07 4.35
N LEU B 97 -1.95 26.37 3.37
CA LEU B 97 -3.37 26.13 3.54
C LEU B 97 -3.81 25.00 2.56
N SER B 98 -4.43 23.98 3.10
CA SER B 98 -4.83 22.84 2.32
C SER B 98 -6.31 22.90 1.97
N ILE B 99 -6.61 22.63 0.73
CA ILE B 99 -7.97 22.63 0.30
C ILE B 99 -8.31 21.31 -0.40
N SER B 100 -9.54 20.89 -0.19
CA SER B 100 -10.04 19.69 -0.79
C SER B 100 -11.56 19.71 -1.03
N GLY B 101 -11.99 20.51 -2.00
CA GLY B 101 -13.38 20.64 -2.35
C GLY B 101 -13.95 19.34 -2.86
N LEU B 102 -15.25 19.20 -2.73
CA LEU B 102 -16.02 18.11 -3.27
C LEU B 102 -16.17 18.13 -4.81
N SER B 103 -15.93 19.25 -5.42
CA SER B 103 -16.00 19.36 -6.89
C SER B 103 -14.97 20.27 -7.49
N VAL B 104 -14.72 20.16 -8.79
CA VAL B 104 -13.85 21.10 -9.39
C VAL B 104 -14.30 22.55 -9.15
N GLU B 105 -15.61 22.79 -9.27
CA GLU B 105 -16.16 24.14 -9.05
C GLU B 105 -15.93 24.65 -7.65
N GLU B 106 -16.10 23.77 -6.66
CA GLU B 106 -15.84 24.17 -5.27
C GLU B 106 -14.42 24.56 -5.10
N ASN B 107 -13.50 23.73 -5.63
CA ASN B 107 -12.07 24.09 -5.59
C ASN B 107 -11.73 25.40 -6.24
N VAL B 108 -12.28 25.66 -7.44
CA VAL B 108 -12.08 26.92 -8.14
C VAL B 108 -12.60 28.10 -7.30
N ALA B 109 -13.80 27.99 -6.72
CA ALA B 109 -14.35 29.07 -5.93
C ALA B 109 -13.47 29.41 -4.71
N MET B 110 -12.90 28.38 -4.07
CA MET B 110 -12.03 28.66 -2.92
C MET B 110 -10.69 29.27 -3.39
N VAL B 111 -10.07 28.73 -4.43
CA VAL B 111 -8.76 29.26 -4.79
C VAL B 111 -8.84 30.71 -5.32
N ARG B 112 -9.95 31.07 -5.96
CA ARG B 112 -10.13 32.48 -6.38
C ARG B 112 -10.09 33.44 -5.21
N ARG B 113 -10.67 33.03 -4.09
CA ARG B 113 -10.68 33.85 -2.89
C ARG B 113 -9.34 33.79 -2.17
N LEU B 114 -8.64 32.67 -2.32
CA LEU B 114 -7.34 32.51 -1.66
C LEU B 114 -6.25 33.33 -2.36
N ALA B 115 -6.33 33.48 -3.67
CA ALA B 115 -5.27 34.12 -4.43
C ALA B 115 -4.81 35.47 -3.90
N PRO B 116 -5.75 36.40 -3.60
CA PRO B 116 -5.40 37.72 -3.04
C PRO B 116 -4.69 37.67 -1.69
N VAL B 117 -5.10 36.73 -0.82
CA VAL B 117 -4.44 36.54 0.50
C VAL B 117 -3.04 35.95 0.31
N ALA B 118 -2.88 35.02 -0.64
CA ALA B 118 -1.52 34.49 -0.98
C ALA B 118 -0.59 35.59 -1.46
N GLN B 119 -1.09 36.51 -2.30
CA GLN B 119 -0.30 37.69 -2.70
C GLN B 119 0.05 38.59 -1.52
N GLU B 120 -0.91 38.85 -0.65
CA GLU B 120 -0.75 39.84 0.40
C GLU B 120 0.16 39.25 1.51
N LYS B 121 -0.06 37.98 1.86
CA LYS B 121 0.55 37.37 3.08
C LYS B 121 1.59 36.29 2.81
N GLY B 122 1.60 35.69 1.61
CA GLY B 122 2.51 34.60 1.32
C GLY B 122 2.06 33.20 1.84
N VAL B 123 0.82 33.07 2.30
CA VAL B 123 0.22 31.72 2.54
C VAL B 123 0.37 30.93 1.25
N LEU B 124 0.76 29.66 1.37
CA LEU B 124 0.97 28.70 0.24
C LEU B 124 -0.14 27.65 0.10
N LEU B 125 -0.61 27.41 -1.13
CA LEU B 125 -1.69 26.45 -1.35
C LEU B 125 -1.19 25.03 -1.56
N GLU B 126 -1.73 24.08 -0.80
CA GLU B 126 -1.56 22.56 -0.99
C GLU B 126 -2.93 22.06 -1.39
N LEU B 127 -3.04 21.62 -2.61
CA LEU B 127 -4.27 21.13 -3.13
C LEU B 127 -4.36 19.65 -2.87
N ASN B 128 -5.36 19.21 -2.13
CA ASN B 128 -5.48 17.79 -1.80
C ASN B 128 -6.23 16.98 -2.85
N LEU B 129 -5.52 16.27 -3.68
CA LEU B 129 -6.12 15.50 -4.78
C LEU B 129 -6.76 14.14 -4.44
N SER B 130 -6.71 13.74 -3.19
CA SER B 130 -7.45 12.59 -2.76
C SER B 130 -8.90 12.94 -2.45
N CYS B 131 -9.54 13.59 -3.38
CA CYS B 131 -10.85 14.14 -3.18
C CYS B 131 -11.89 13.37 -4.01
N PRO B 132 -13.21 13.49 -3.56
CA PRO B 132 -14.17 12.66 -4.29
C PRO B 132 -14.41 13.05 -5.75
N ASN B 133 -14.83 12.07 -6.51
CA ASN B 133 -14.87 12.19 -7.93
C ASN B 133 -16.32 11.89 -8.33
N VAL B 134 -16.55 11.94 -9.62
CA VAL B 134 -17.80 11.54 -10.26
C VAL B 134 -18.20 10.06 -10.01
N PRO B 135 -19.51 9.72 -10.17
CA PRO B 135 -19.89 8.32 -9.85
C PRO B 135 -19.18 7.22 -10.60
N GLY B 136 -18.79 6.16 -9.87
CA GLY B 136 -18.13 5.01 -10.45
C GLY B 136 -16.62 5.13 -10.47
N LYS B 137 -16.09 6.30 -10.17
CA LYS B 137 -14.70 6.62 -10.44
C LYS B 137 -13.94 6.60 -9.12
N PRO B 138 -12.64 6.31 -9.17
CA PRO B 138 -11.82 6.41 -7.97
C PRO B 138 -11.59 7.89 -7.61
N GLN B 139 -10.89 8.12 -6.50
CA GLN B 139 -10.53 9.45 -6.05
C GLN B 139 -9.82 10.13 -7.22
N VAL B 140 -9.88 11.47 -7.27
CA VAL B 140 -9.40 12.25 -8.39
C VAL B 140 -7.95 11.90 -8.81
N ALA B 141 -7.06 11.74 -7.85
CA ALA B 141 -5.66 11.44 -8.26
C ALA B 141 -5.44 10.08 -8.83
N TYR B 142 -6.42 9.15 -8.74
CA TYR B 142 -6.33 7.87 -9.41
C TYR B 142 -7.12 7.87 -10.75
N ASP B 143 -7.60 9.03 -11.17
CA ASP B 143 -8.26 9.21 -12.48
C ASP B 143 -7.51 10.34 -13.17
N PHE B 144 -6.58 9.97 -14.05
CA PHE B 144 -5.59 10.91 -14.55
C PHE B 144 -6.26 11.97 -15.39
N GLU B 145 -7.34 11.63 -16.07
CA GLU B 145 -8.04 12.67 -16.81
C GLU B 145 -8.73 13.67 -15.89
N ALA B 146 -9.32 13.23 -14.79
CA ALA B 146 -9.89 14.18 -13.81
C ALA B 146 -8.81 15.03 -13.19
N MET B 147 -7.65 14.40 -12.98
CA MET B 147 -6.57 15.12 -12.29
C MET B 147 -6.08 16.23 -13.20
N ARG B 148 -5.93 15.96 -14.48
CA ARG B 148 -5.56 16.98 -15.46
C ARG B 148 -6.58 18.10 -15.49
N THR B 149 -7.88 17.79 -15.49
CA THR B 149 -8.94 18.86 -15.50
C THR B 149 -8.87 19.71 -14.25
N TYR B 150 -8.68 19.05 -13.08
CA TYR B 150 -8.69 19.80 -11.84
C TYR B 150 -7.50 20.75 -11.86
N LEU B 151 -6.31 20.27 -12.30
CA LEU B 151 -5.14 21.10 -12.29
C LEU B 151 -5.25 22.19 -13.31
N GLN B 152 -5.91 21.94 -14.43
CA GLN B 152 -6.07 23.08 -15.41
C GLN B 152 -6.92 24.21 -14.83
N GLN B 153 -8.01 23.81 -14.19
CA GLN B 153 -9.01 24.74 -13.65
C GLN B 153 -8.45 25.51 -12.50
N VAL B 154 -7.71 24.83 -11.64
CA VAL B 154 -7.10 25.49 -10.56
C VAL B 154 -5.98 26.42 -10.99
N SER B 155 -5.11 25.96 -11.88
CA SER B 155 -4.04 26.82 -12.36
C SER B 155 -4.62 28.17 -12.94
N LEU B 156 -5.67 28.05 -13.70
CA LEU B 156 -6.30 29.21 -14.34
C LEU B 156 -6.93 30.12 -13.28
N ALA B 157 -7.62 29.53 -12.31
CA ALA B 157 -8.37 30.28 -11.34
C ALA B 157 -7.43 30.90 -10.33
N TYR B 158 -6.31 30.24 -10.03
CA TYR B 158 -5.46 30.66 -8.95
C TYR B 158 -4.32 31.53 -9.52
N GLY B 159 -3.65 31.07 -10.55
CA GLY B 159 -2.59 31.89 -11.18
C GLY B 159 -1.29 32.06 -10.47
N LEU B 160 -1.08 31.34 -9.37
CA LEU B 160 0.12 31.54 -8.55
C LEU B 160 0.75 30.15 -8.30
N PRO B 161 2.03 30.08 -7.92
CA PRO B 161 2.61 28.77 -7.55
C PRO B 161 1.78 28.08 -6.48
N PHE B 162 1.62 26.75 -6.59
CA PHE B 162 0.92 25.93 -5.56
C PHE B 162 1.49 24.52 -5.56
N GLY B 163 1.06 23.70 -4.63
CA GLY B 163 1.49 22.33 -4.57
C GLY B 163 0.30 21.39 -4.50
N VAL B 164 0.60 20.10 -4.68
CA VAL B 164 -0.41 19.10 -4.67
C VAL B 164 -0.05 17.98 -3.67
N LYS B 165 -1.01 17.48 -2.94
CA LYS B 165 -0.87 16.33 -2.10
C LYS B 165 -1.38 15.13 -2.84
N MET B 166 -0.49 14.18 -3.01
CA MET B 166 -0.77 12.95 -3.79
C MET B 166 -0.97 11.69 -2.90
N PRO B 167 -1.85 10.79 -3.33
CA PRO B 167 -1.93 9.47 -2.78
C PRO B 167 -0.77 8.63 -3.32
N PRO B 168 -0.45 7.52 -2.65
CA PRO B 168 0.65 6.62 -3.14
C PRO B 168 0.18 5.90 -4.37
N TYR B 169 1.13 5.65 -5.25
CA TYR B 169 0.99 4.72 -6.37
C TYR B 169 1.90 3.52 -6.16
N PHE B 170 1.59 2.46 -6.90
CA PHE B 170 2.14 1.15 -6.67
C PHE B 170 2.60 0.43 -7.93
N ASP B 171 2.60 1.19 -9.03
CA ASP B 171 2.90 0.62 -10.32
C ASP B 171 3.72 1.69 -11.07
N ILE B 172 4.78 1.25 -11.73
CA ILE B 172 5.72 2.16 -12.38
C ILE B 172 5.09 2.94 -13.54
N ALA B 173 4.16 2.33 -14.27
CA ALA B 173 3.44 3.03 -15.33
C ALA B 173 2.56 4.11 -14.72
N HIS B 174 2.02 3.86 -13.52
CA HIS B 174 1.31 4.94 -12.84
C HIS B 174 2.20 6.09 -12.43
N PHE B 175 3.38 5.79 -11.92
CA PHE B 175 4.29 6.87 -11.60
C PHE B 175 4.56 7.68 -12.88
N ASP B 176 4.77 6.99 -13.97
CA ASP B 176 5.12 7.64 -15.19
C ASP B 176 3.96 8.57 -15.64
N THR B 177 2.76 8.05 -15.63
CA THR B 177 1.61 8.82 -16.00
C THR B 177 1.33 10.00 -15.05
N ALA B 178 1.39 9.75 -13.75
CA ALA B 178 1.06 10.79 -12.80
C ALA B 178 2.02 11.95 -12.90
N ALA B 179 3.33 11.65 -12.96
CA ALA B 179 4.35 12.70 -13.08
C ALA B 179 4.20 13.50 -14.40
N ALA B 180 3.90 12.83 -15.48
CA ALA B 180 3.65 13.49 -16.77
C ALA B 180 2.48 14.46 -16.67
N VAL B 181 1.41 14.11 -15.99
CA VAL B 181 0.33 15.07 -15.77
C VAL B 181 0.76 16.30 -14.97
N LEU B 182 1.47 16.07 -13.85
CA LEU B 182 1.89 17.14 -13.06
C LEU B 182 2.85 18.04 -13.78
N ASN B 183 3.70 17.45 -14.56
CA ASN B 183 4.67 18.22 -15.37
C ASN B 183 4.04 19.11 -16.48
N GLU B 184 2.75 18.96 -16.71
CA GLU B 184 2.00 19.84 -17.66
C GLU B 184 1.62 21.13 -17.03
N PHE B 185 1.83 21.26 -15.71
CA PHE B 185 1.49 22.45 -14.96
C PHE B 185 2.67 23.13 -14.29
N PRO B 186 3.16 24.22 -14.91
CA PRO B 186 4.30 24.95 -14.36
C PRO B 186 3.99 25.62 -13.02
N LEU B 187 2.72 25.89 -12.71
CA LEU B 187 2.40 26.47 -11.40
C LEU B 187 2.47 25.45 -10.28
N VAL B 188 2.57 24.17 -10.61
CA VAL B 188 2.62 23.20 -9.53
C VAL B 188 4.13 23.09 -9.21
N LYS B 189 4.53 23.73 -8.14
CA LYS B 189 5.95 23.84 -7.77
C LYS B 189 6.38 22.84 -6.70
N PHE B 190 5.42 22.22 -6.01
CA PHE B 190 5.79 21.17 -5.08
C PHE B 190 4.74 20.06 -5.11
N VAL B 191 5.23 18.87 -4.86
CA VAL B 191 4.38 17.69 -4.81
C VAL B 191 4.62 17.02 -3.46
N THR B 192 3.57 16.73 -2.72
CA THR B 192 3.76 16.06 -1.43
C THR B 192 3.33 14.61 -1.58
N CYS B 193 4.23 13.73 -1.21
CA CYS B 193 4.13 12.29 -1.34
C CYS B 193 4.43 11.72 0.06
N VAL B 194 3.44 11.11 0.76
CA VAL B 194 2.16 10.68 0.27
C VAL B 194 1.04 10.90 1.27
N ASN B 195 -0.18 10.92 0.77
CA ASN B 195 -1.36 10.69 1.62
C ASN B 195 -1.41 9.27 2.19
N SER B 196 -2.38 9.02 3.05
CA SER B 196 -2.56 7.71 3.69
C SER B 196 -2.75 6.60 2.66
N VAL B 197 -2.25 5.42 2.98
CA VAL B 197 -2.39 4.26 2.06
C VAL B 197 -3.91 3.83 2.16
N GLY B 198 -4.66 3.96 1.05
CA GLY B 198 -6.09 3.90 1.09
C GLY B 198 -6.67 2.57 1.51
N ASN B 199 -7.75 2.64 2.26
CA ASN B 199 -8.63 1.51 2.50
C ASN B 199 -7.95 0.22 3.00
N GLY B 200 -7.12 0.35 4.04
CA GLY B 200 -6.69 -0.79 4.87
C GLY B 200 -7.78 -1.11 5.90
N LEU B 201 -7.57 -2.20 6.65
CA LEU B 201 -8.56 -2.69 7.57
C LEU B 201 -7.81 -3.29 8.75
N VAL B 202 -7.97 -2.67 9.91
CA VAL B 202 -7.48 -3.16 11.21
C VAL B 202 -8.61 -3.85 11.97
N ILE B 203 -8.30 -5.10 12.41
CA ILE B 203 -9.20 -5.95 13.12
C ILE B 203 -8.56 -6.24 14.48
N ASP B 204 -9.35 -6.11 15.51
CA ASP B 204 -8.89 -6.49 16.88
C ASP B 204 -9.22 -7.95 17.16
N ALA B 205 -8.21 -8.80 17.44
CA ALA B 205 -8.49 -10.20 17.69
C ALA B 205 -9.36 -10.48 18.92
N GLU B 206 -9.16 -9.75 20.03
CA GLU B 206 -9.95 -10.06 21.21
C GLU B 206 -11.48 -9.84 21.01
N SER B 207 -11.85 -8.68 20.48
CA SER B 207 -13.24 -8.33 20.28
C SER B 207 -13.79 -8.87 18.92
N GLU B 208 -12.91 -9.37 18.08
CA GLU B 208 -13.33 -9.83 16.74
C GLU B 208 -14.01 -8.76 15.96
N SER B 209 -13.59 -7.49 16.16
CA SER B 209 -14.27 -6.33 15.58
C SER B 209 -13.26 -5.43 14.87
N VAL B 210 -13.73 -4.72 13.84
CA VAL B 210 -13.00 -3.62 13.30
C VAL B 210 -12.89 -2.51 14.38
N VAL B 211 -12.01 -1.55 14.16
CA VAL B 211 -11.66 -0.62 15.22
C VAL B 211 -12.13 0.83 14.93
N ILE B 212 -12.55 1.12 13.70
CA ILE B 212 -13.18 2.35 13.42
C ILE B 212 -14.58 2.07 12.85
N LYS B 213 -15.45 3.05 13.04
CA LYS B 213 -16.90 2.88 12.82
C LYS B 213 -17.32 3.11 11.36
N PRO B 214 -16.81 4.20 10.72
CA PRO B 214 -17.22 4.41 9.31
C PRO B 214 -16.65 3.34 8.32
N LYS B 215 -17.35 3.20 7.20
CA LYS B 215 -16.94 2.37 6.09
C LYS B 215 -16.61 0.92 6.53
N GLN B 216 -17.38 0.37 7.51
CA GLN B 216 -17.23 -1.01 7.91
C GLN B 216 -15.81 -1.27 8.38
N GLY B 217 -15.14 -0.21 8.84
CA GLY B 217 -13.84 -0.32 9.44
C GLY B 217 -12.70 -0.02 8.50
N PHE B 218 -12.96 0.24 7.22
CA PHE B 218 -11.90 0.49 6.26
C PHE B 218 -11.44 1.96 6.41
N GLY B 219 -10.15 2.25 6.26
CA GLY B 219 -9.66 3.60 6.29
C GLY B 219 -8.19 3.72 5.90
N GLY B 220 -7.70 4.93 5.78
CA GLY B 220 -6.40 5.17 5.31
C GLY B 220 -5.35 4.82 6.33
N LEU B 221 -4.25 4.21 5.87
CA LEU B 221 -3.16 3.85 6.81
C LEU B 221 -2.05 4.87 6.80
N GLY B 222 -1.53 5.09 8.02
CA GLY B 222 -0.37 5.93 8.19
C GLY B 222 0.59 5.28 9.18
N GLY B 223 1.79 5.83 9.22
CA GLY B 223 2.80 5.44 10.21
C GLY B 223 3.81 4.43 9.66
N LYS B 224 4.29 3.52 10.52
CA LYS B 224 5.34 2.62 10.11
C LYS B 224 5.01 1.66 9.00
N TYR B 225 3.76 1.24 8.91
CA TYR B 225 3.33 0.46 7.79
C TYR B 225 3.71 1.07 6.45
N ILE B 226 3.78 2.39 6.37
CA ILE B 226 3.78 3.00 5.00
C ILE B 226 5.10 3.66 4.59
N LEU B 227 6.14 3.58 5.42
CA LEU B 227 7.38 4.24 5.11
C LEU B 227 8.00 3.83 3.79
N PRO B 228 8.13 2.52 3.51
CA PRO B 228 8.77 2.17 2.24
C PRO B 228 7.91 2.62 1.03
N THR B 229 6.61 2.65 1.19
CA THR B 229 5.73 3.15 0.14
C THR B 229 5.96 4.67 -0.04
N ALA B 230 6.08 5.34 1.07
CA ALA B 230 6.26 6.82 1.04
C ALA B 230 7.59 7.16 0.37
N LEU B 231 8.69 6.48 0.78
CA LEU B 231 9.99 6.70 0.18
C LEU B 231 9.98 6.41 -1.31
N ALA B 232 9.30 5.35 -1.71
CA ALA B 232 9.16 5.07 -3.14
C ALA B 232 8.52 6.17 -3.93
N ASN B 233 7.41 6.69 -3.43
CA ASN B 233 6.75 7.75 -4.12
C ASN B 233 7.56 9.05 -4.17
N VAL B 234 8.17 9.42 -3.02
CA VAL B 234 9.03 10.54 -2.97
C VAL B 234 10.11 10.45 -4.06
N ASN B 235 10.76 9.29 -4.13
CA ASN B 235 11.89 9.15 -5.06
C ASN B 235 11.44 9.05 -6.51
N ALA B 236 10.30 8.40 -6.74
CA ALA B 236 9.72 8.34 -8.10
C ALA B 236 9.39 9.68 -8.65
N PHE B 237 8.73 10.54 -7.84
CA PHE B 237 8.43 11.92 -8.20
C PHE B 237 9.68 12.81 -8.30
N TYR B 238 10.64 12.60 -7.39
CA TYR B 238 11.84 13.40 -7.40
C TYR B 238 12.54 13.18 -8.72
N ARG B 239 12.61 11.91 -9.13
CA ARG B 239 13.28 11.58 -10.38
C ARG B 239 12.51 12.17 -11.61
N ARG B 240 11.20 12.12 -11.57
CA ARG B 240 10.42 12.44 -12.79
C ARG B 240 10.07 13.93 -12.87
N CYS B 241 10.20 14.66 -11.78
CA CYS B 241 9.79 16.08 -11.73
C CYS B 241 11.00 16.96 -11.33
N PRO B 242 12.07 17.00 -12.16
CA PRO B 242 13.25 17.72 -11.74
C PRO B 242 13.07 19.19 -11.60
N ASP B 243 12.02 19.78 -12.16
CA ASP B 243 11.82 21.22 -11.98
C ASP B 243 10.84 21.57 -10.84
N LYS B 244 10.43 20.59 -10.05
CA LYS B 244 9.56 20.82 -8.93
C LYS B 244 10.27 20.37 -7.59
N LEU B 245 9.72 20.78 -6.48
CA LEU B 245 10.12 20.25 -5.17
C LEU B 245 9.23 19.05 -4.84
N VAL B 246 9.76 18.16 -4.01
CA VAL B 246 8.97 17.06 -3.45
C VAL B 246 9.05 17.21 -1.95
N PHE B 247 7.88 17.12 -1.31
CA PHE B 247 7.74 17.12 0.16
C PHE B 247 7.46 15.69 0.56
N GLY B 248 8.18 15.13 1.54
CA GLY B 248 7.89 13.75 1.93
C GLY B 248 6.96 13.71 3.11
N CYS B 249 6.10 12.71 3.14
CA CYS B 249 5.15 12.48 4.17
C CYS B 249 4.92 11.01 4.21
N GLY B 250 5.09 10.37 5.37
CA GLY B 250 4.74 8.97 5.52
C GLY B 250 5.74 8.25 6.40
N GLY B 251 5.29 7.85 7.55
CA GLY B 251 6.08 7.06 8.42
C GLY B 251 7.25 7.72 9.10
N VAL B 252 7.22 9.04 9.25
CA VAL B 252 8.28 9.67 9.95
C VAL B 252 8.07 9.56 11.48
N TYR B 253 8.95 8.85 12.18
CA TYR B 253 8.99 8.79 13.67
C TYR B 253 10.32 9.21 14.31
N SER B 254 11.36 9.43 13.52
CA SER B 254 12.73 9.69 14.02
C SER B 254 13.43 10.50 13.01
N GLY B 255 14.52 11.09 13.43
CA GLY B 255 15.43 11.78 12.49
C GLY B 255 16.03 10.91 11.40
N GLU B 256 16.14 9.62 11.72
CA GLU B 256 16.59 8.62 10.74
C GLU B 256 15.56 8.52 9.62
N ASP B 257 14.29 8.45 9.97
CA ASP B 257 13.19 8.30 8.98
C ASP B 257 13.17 9.50 8.10
N ALA B 258 13.37 10.66 8.74
CA ALA B 258 13.47 11.92 8.06
C ALA B 258 14.69 12.02 7.08
N PHE B 259 15.83 11.62 7.60
CA PHE B 259 17.03 11.39 6.79
C PHE B 259 16.75 10.59 5.53
N LEU B 260 16.02 9.47 5.65
CA LEU B 260 15.73 8.65 4.52
C LEU B 260 14.85 9.36 3.45
N HIS B 261 13.83 10.06 3.93
CA HIS B 261 13.02 10.85 3.04
C HIS B 261 13.87 11.92 2.26
N ILE B 262 14.80 12.56 2.97
CA ILE B 262 15.58 13.62 2.35
C ILE B 262 16.50 12.95 1.33
N LEU B 263 17.12 11.84 1.69
CA LEU B 263 17.95 11.05 0.71
C LEU B 263 17.16 10.66 -0.53
N ALA B 264 15.86 10.34 -0.35
CA ALA B 264 14.96 9.99 -1.41
C ALA B 264 14.59 11.19 -2.27
N GLY B 265 14.85 12.41 -1.77
CA GLY B 265 14.57 13.60 -2.48
C GLY B 265 13.69 14.69 -1.84
N ALA B 266 13.20 14.47 -0.63
CA ALA B 266 12.37 15.43 0.07
C ALA B 266 13.05 16.75 0.42
N SER B 267 12.32 17.83 0.15
CA SER B 267 12.77 19.16 0.58
C SER B 267 12.22 19.46 1.98
N MET B 268 10.94 19.27 2.16
CA MET B 268 10.29 19.34 3.48
C MET B 268 9.82 17.88 3.84
N VAL B 269 9.69 17.64 5.14
CA VAL B 269 9.30 16.38 5.71
C VAL B 269 8.10 16.62 6.69
N GLN B 270 6.96 16.00 6.38
CA GLN B 270 5.74 16.10 7.12
C GLN B 270 5.61 14.92 8.08
N VAL B 271 5.00 15.21 9.24
CA VAL B 271 4.79 14.24 10.24
C VAL B 271 3.29 14.22 10.60
N GLY B 272 2.69 13.05 10.43
CA GLY B 272 1.26 12.77 10.70
C GLY B 272 1.09 11.97 11.94
N THR B 273 0.91 10.65 11.81
CA THR B 273 0.62 9.73 12.92
C THR B 273 1.55 9.94 14.10
N ALA B 274 2.83 10.07 13.88
CA ALA B 274 3.76 10.20 15.04
C ALA B 274 3.53 11.48 15.80
N LEU B 275 3.11 12.52 15.08
CA LEU B 275 2.77 13.81 15.71
C LEU B 275 1.45 13.70 16.51
N GLN B 276 0.46 13.03 15.90
CA GLN B 276 -0.78 12.70 16.58
C GLN B 276 -0.52 11.94 17.90
N GLU B 277 0.40 11.02 17.86
CA GLU B 277 0.72 10.18 19.02
C GLU B 277 1.60 10.81 20.04
N GLU B 278 2.63 11.55 19.63
CA GLU B 278 3.61 12.01 20.53
C GLU B 278 3.31 13.45 20.91
N GLY B 279 2.60 14.22 20.07
CA GLY B 279 2.46 15.66 20.37
C GLY B 279 3.58 16.48 19.72
N PRO B 280 3.47 17.82 19.79
CA PRO B 280 4.36 18.79 19.06
C PRO B 280 5.77 18.80 19.56
N GLY B 281 6.00 18.30 20.78
CA GLY B 281 7.35 18.05 21.27
C GLY B 281 8.24 17.23 20.32
N ILE B 282 7.58 16.37 19.50
CA ILE B 282 8.27 15.55 18.57
C ILE B 282 9.22 16.38 17.70
N PHE B 283 8.91 17.66 17.40
CA PHE B 283 9.76 18.43 16.44
C PHE B 283 11.14 18.73 16.98
N THR B 284 11.25 18.95 18.29
CA THR B 284 12.57 19.12 18.85
C THR B 284 13.36 17.87 18.75
N ARG B 285 12.78 16.71 19.02
CA ARG B 285 13.47 15.44 18.95
C ARG B 285 13.92 15.10 17.53
N LEU B 286 13.04 15.28 16.56
CA LEU B 286 13.36 15.02 15.14
C LEU B 286 14.52 15.93 14.64
N GLU B 287 14.54 17.19 15.02
CA GLU B 287 15.63 18.12 14.64
C GLU B 287 16.96 17.62 15.21
N ASP B 288 16.91 17.30 16.50
CA ASP B 288 18.08 16.87 17.24
C ASP B 288 18.65 15.57 16.63
N GLU B 289 17.75 14.60 16.37
CA GLU B 289 18.13 13.32 15.81
C GLU B 289 18.73 13.47 14.40
N LEU B 290 18.13 14.31 13.58
CA LEU B 290 18.56 14.49 12.18
C LEU B 290 19.91 15.23 12.18
N LEU B 291 20.08 16.23 13.02
CA LEU B 291 21.40 16.91 13.14
C LEU B 291 22.46 15.93 13.61
N GLU B 292 22.10 14.98 14.49
CA GLU B 292 23.07 14.06 15.05
C GLU B 292 23.50 13.05 13.98
N ILE B 293 22.56 12.55 13.20
CA ILE B 293 22.95 11.72 12.03
C ILE B 293 23.87 12.49 11.04
N MET B 294 23.53 13.73 10.73
CA MET B 294 24.39 14.54 9.85
C MET B 294 25.80 14.71 10.41
N ALA B 295 25.94 15.04 11.71
CA ALA B 295 27.27 15.24 12.30
C ALA B 295 28.06 13.97 12.17
N ARG B 296 27.45 12.87 12.51
CA ARG B 296 28.17 11.60 12.50
C ARG B 296 28.66 11.28 11.04
N LYS B 297 27.90 11.69 10.04
CA LYS B 297 28.22 11.46 8.64
C LYS B 297 29.13 12.53 8.06
N GLY B 298 29.33 13.62 8.78
CA GLY B 298 30.05 14.79 8.26
C GLY B 298 29.28 15.66 7.27
N TYR B 299 27.96 15.61 7.29
CA TYR B 299 27.21 16.48 6.43
C TYR B 299 26.92 17.80 7.14
N ARG B 300 27.14 18.89 6.47
CA ARG B 300 26.82 20.23 7.02
C ARG B 300 25.47 20.85 6.59
N THR B 301 24.92 20.40 5.47
CA THR B 301 23.73 20.92 4.84
C THR B 301 22.87 19.77 4.38
N LEU B 302 21.57 20.03 4.21
CA LEU B 302 20.64 19.07 3.64
C LEU B 302 20.90 18.85 2.17
N GLU B 303 21.35 19.92 1.51
CA GLU B 303 21.57 19.94 0.06
C GLU B 303 22.65 18.95 -0.27
N GLU B 304 23.53 18.67 0.68
CA GLU B 304 24.63 17.74 0.41
C GLU B 304 24.16 16.31 0.18
N PHE B 305 23.01 15.93 0.76
CA PHE B 305 22.53 14.55 0.54
C PHE B 305 21.12 14.44 -0.02
N ARG B 306 20.42 15.54 -0.21
CA ARG B 306 19.07 15.41 -0.69
C ARG B 306 19.08 14.80 -2.06
N GLY B 307 18.30 13.75 -2.19
CA GLY B 307 18.13 13.05 -3.40
C GLY B 307 19.33 12.23 -3.78
N ARG B 308 20.29 12.04 -2.91
CA ARG B 308 21.48 11.26 -3.25
C ARG B 308 21.49 9.80 -2.81
N VAL B 309 20.33 9.21 -2.57
CA VAL B 309 20.22 7.81 -2.35
C VAL B 309 21.01 7.03 -3.42
N LYS B 310 21.78 6.10 -3.00
CA LYS B 310 22.59 5.30 -3.97
C LYS B 310 21.87 4.09 -4.47
N THR B 311 22.03 3.79 -5.75
CA THR B 311 21.48 2.52 -6.29
C THR B 311 22.65 1.55 -6.41
N ILE B 312 22.40 0.26 -6.67
CA ILE B 312 23.46 -0.78 -6.66
C ILE B 312 23.77 -1.02 -8.13
N GLU B 313 25.01 -0.80 -8.56
CA GLU B 313 25.41 -0.99 -9.99
C GLU B 313 24.46 -0.35 -11.03
#